data_8A6U
#
_entry.id   8A6U
#
_cell.length_a   59.160
_cell.length_b   78.330
_cell.length_c   89.610
_cell.angle_alpha   90.000
_cell.angle_beta   101.710
_cell.angle_gamma   90.000
#
_symmetry.space_group_name_H-M   'P 1 21 1'
#
loop_
_entity.id
_entity.type
_entity.pdbx_description
1 polymer 'Isoprenyl diphosphate synthase'
2 non-polymer 'MAGNESIUM ION'
3 water water
#
_entity_poly.entity_id   1
_entity_poly.type   'polypeptide(L)'
_entity_poly.pdbx_seq_one_letter_code
;GSFSKEESREFMAIFPDIVRDLTDAGRHTDIPEVTKRFAKVLQYNVPTGKKTRGLSTVIAYKMLEKPENLTPENVRLAGI
LGWCVELLQASLLIMDDLMDRSETRRGQPCWYRQENVGFLAINDCLHVESSLYSVLRKYFSHLPCYVPIIELFHDVNFKT
NMGQSLDALCMKDGRPILSQFTMKRYSSIVKYKTSYYTFQLPVSLGMYLADMYDPEQHRQAKTILMEIGEFFQIQDDFLD
AFGDSQVTGKVGTDIKEGKCSWLAVVALQRSNPAQRQIMEEHYGRPEPESTQIIKNLYIELGLPATFAVYEEESFNIIRT
HIHQISKGLPHDLFFKIMKKIYKRDA
;
_entity_poly.pdbx_strand_id   A,B
#
# COMPACT_ATOMS: atom_id res chain seq x y z
N SER A 4 28.58 3.31 15.38
CA SER A 4 30.03 3.20 15.04
C SER A 4 30.21 3.21 13.52
N LYS A 5 31.43 3.51 13.05
CA LYS A 5 31.80 3.50 11.61
C LYS A 5 31.54 2.10 11.04
N GLU A 6 31.95 1.07 11.78
CA GLU A 6 31.86 -0.37 11.37
C GLU A 6 30.38 -0.74 11.20
N GLU A 7 29.52 -0.33 12.14
CA GLU A 7 28.05 -0.57 12.13
C GLU A 7 27.43 0.10 10.88
N SER A 8 27.73 1.39 10.68
CA SER A 8 27.24 2.22 9.53
C SER A 8 27.69 1.58 8.21
N ARG A 9 28.97 1.24 8.11
CA ARG A 9 29.59 0.74 6.84
C ARG A 9 28.99 -0.64 6.49
N GLU A 10 28.90 -1.55 7.45
CA GLU A 10 28.35 -2.92 7.22
C GLU A 10 26.87 -2.80 6.83
N PHE A 11 26.11 -1.92 7.49
CA PHE A 11 24.68 -1.67 7.14
C PHE A 11 24.58 -1.16 5.70
N MET A 12 25.37 -0.15 5.32
CA MET A 12 25.27 0.45 3.97
C MET A 12 25.64 -0.58 2.89
N ALA A 13 26.54 -1.51 3.20
CA ALA A 13 27.04 -2.57 2.29
C ALA A 13 25.93 -3.55 1.89
N ILE A 14 24.83 -3.63 2.64
CA ILE A 14 23.70 -4.56 2.34
C ILE A 14 22.85 -3.99 1.19
N PHE A 15 22.71 -2.67 1.10
CA PHE A 15 21.73 -2.01 0.18
C PHE A 15 21.85 -2.53 -1.25
N PRO A 16 23.06 -2.57 -1.88
CA PRO A 16 23.20 -3.09 -3.24
C PRO A 16 22.64 -4.51 -3.47
N ASP A 17 22.74 -5.39 -2.47
CA ASP A 17 22.21 -6.77 -2.55
C ASP A 17 20.67 -6.73 -2.59
N ILE A 18 20.06 -5.87 -1.77
CA ILE A 18 18.59 -5.66 -1.73
C ILE A 18 18.10 -5.21 -3.11
N VAL A 19 18.79 -4.25 -3.74
CA VAL A 19 18.39 -3.76 -5.08
C VAL A 19 18.44 -4.94 -6.06
N ARG A 20 19.51 -5.73 -6.02
CA ARG A 20 19.67 -6.91 -6.93
C ARG A 20 18.54 -7.91 -6.67
N ASP A 21 18.20 -8.17 -5.40
CA ASP A 21 17.11 -9.08 -5.00
C ASP A 21 15.77 -8.66 -5.63
N LEU A 22 15.52 -7.34 -5.74
CA LEU A 22 14.20 -6.78 -6.14
C LEU A 22 14.10 -6.55 -7.65
N THR A 23 15.22 -6.42 -8.37
CA THR A 23 15.24 -5.93 -9.77
C THR A 23 16.05 -6.82 -10.72
N ASP A 24 16.97 -7.66 -10.21
CA ASP A 24 17.96 -8.38 -11.06
C ASP A 24 18.20 -9.78 -10.48
N ALA A 25 17.11 -10.52 -10.21
CA ALA A 25 17.13 -11.88 -9.64
C ALA A 25 16.44 -12.87 -10.59
N GLY A 26 16.43 -12.55 -11.89
CA GLY A 26 15.93 -13.44 -12.96
C GLY A 26 14.40 -13.51 -13.03
N ARG A 27 13.70 -12.77 -12.17
CA ARG A 27 12.21 -12.69 -12.14
C ARG A 27 11.76 -11.61 -13.12
N HIS A 28 10.51 -11.68 -13.59
CA HIS A 28 9.83 -10.65 -14.41
C HIS A 28 10.67 -10.32 -15.66
N THR A 29 11.12 -11.35 -16.37
CA THR A 29 12.07 -11.25 -17.52
C THR A 29 11.39 -10.58 -18.73
N ASP A 30 10.06 -10.52 -18.76
CA ASP A 30 9.28 -9.98 -19.90
C ASP A 30 9.17 -8.45 -19.79
N ILE A 31 9.49 -7.85 -18.63
CA ILE A 31 9.33 -6.39 -18.38
C ILE A 31 10.62 -5.78 -17.84
N PRO A 32 11.77 -5.93 -18.53
CA PRO A 32 13.04 -5.38 -18.05
C PRO A 32 13.03 -3.85 -17.90
N GLU A 33 12.23 -3.13 -18.69
CA GLU A 33 12.15 -1.64 -18.62
C GLU A 33 11.60 -1.21 -17.25
N VAL A 34 10.68 -1.98 -16.67
CA VAL A 34 10.06 -1.67 -15.34
C VAL A 34 11.06 -1.94 -14.23
N THR A 35 11.80 -3.05 -14.30
CA THR A 35 12.74 -3.47 -13.22
C THR A 35 13.96 -2.55 -13.24
N LYS A 36 14.47 -2.19 -14.42
CA LYS A 36 15.58 -1.23 -14.57
C LYS A 36 15.19 0.10 -13.91
N ARG A 37 13.99 0.59 -14.22
CA ARG A 37 13.46 1.85 -13.68
C ARG A 37 13.28 1.71 -12.16
N PHE A 38 12.80 0.56 -11.68
CA PHE A 38 12.58 0.34 -10.23
C PHE A 38 13.92 0.40 -9.48
N ALA A 39 14.99 -0.16 -10.04
CA ALA A 39 16.35 -0.09 -9.45
C ALA A 39 16.75 1.38 -9.25
N LYS A 40 16.50 2.25 -10.24
CA LYS A 40 16.80 3.71 -10.14
C LYS A 40 15.91 4.35 -9.07
N VAL A 41 14.62 3.97 -8.99
CA VAL A 41 13.68 4.50 -7.96
C VAL A 41 14.24 4.14 -6.58
N LEU A 42 14.67 2.89 -6.37
CA LEU A 42 15.28 2.46 -5.09
C LEU A 42 16.57 3.26 -4.85
N GLN A 43 17.45 3.32 -5.85
CA GLN A 43 18.80 3.95 -5.75
C GLN A 43 18.67 5.44 -5.44
N TYR A 44 17.65 6.11 -6.01
CA TYR A 44 17.42 7.57 -5.87
C TYR A 44 16.87 7.91 -4.48
N ASN A 45 15.99 7.06 -3.94
CA ASN A 45 15.03 7.44 -2.86
C ASN A 45 15.34 6.76 -1.52
N VAL A 46 16.07 5.64 -1.51
CA VAL A 46 16.17 4.77 -0.30
C VAL A 46 17.50 4.93 0.45
N PRO A 47 18.70 4.97 -0.20
CA PRO A 47 19.96 4.86 0.54
C PRO A 47 20.65 6.18 0.94
N THR A 48 20.06 7.34 0.64
CA THR A 48 20.70 8.67 0.79
C THR A 48 20.37 9.24 2.18
N GLY A 49 21.24 10.10 2.71
CA GLY A 49 21.07 10.73 4.04
C GLY A 49 21.13 9.72 5.17
N LYS A 50 20.62 10.10 6.35
CA LYS A 50 20.77 9.36 7.63
C LYS A 50 19.80 8.17 7.61
N LYS A 51 20.26 7.01 8.03
CA LYS A 51 19.42 5.78 8.08
C LYS A 51 19.20 5.41 9.55
N THR A 52 18.67 6.35 10.34
CA THR A 52 18.54 6.24 11.82
C THR A 52 17.63 5.06 12.19
N ARG A 53 16.49 4.90 11.50
CA ARG A 53 15.51 3.82 11.82
C ARG A 53 16.14 2.47 11.49
N GLY A 54 16.79 2.35 10.33
CA GLY A 54 17.49 1.11 9.90
C GLY A 54 18.59 0.73 10.86
N LEU A 55 19.46 1.68 11.23
CA LEU A 55 20.61 1.42 12.14
C LEU A 55 20.07 1.10 13.55
N SER A 56 18.98 1.75 13.96
CA SER A 56 18.29 1.51 15.27
C SER A 56 17.83 0.04 15.37
N THR A 57 17.45 -0.56 14.24
CA THR A 57 17.02 -1.98 14.19
C THR A 57 18.21 -2.87 14.52
N VAL A 58 19.39 -2.58 13.94
CA VAL A 58 20.65 -3.35 14.17
C VAL A 58 21.08 -3.17 15.63
N ILE A 59 21.08 -1.93 16.13
CA ILE A 59 21.48 -1.60 17.53
C ILE A 59 20.58 -2.36 18.50
N ALA A 60 19.26 -2.31 18.29
CA ALA A 60 18.26 -3.00 19.13
C ALA A 60 18.60 -4.48 19.17
N TYR A 61 18.79 -5.11 18.00
CA TYR A 61 19.11 -6.57 17.92
C TYR A 61 20.38 -6.86 18.73
N LYS A 62 21.44 -6.08 18.51
CA LYS A 62 22.77 -6.27 19.14
C LYS A 62 22.65 -6.26 20.67
N MET A 63 21.73 -5.47 21.22
CA MET A 63 21.60 -5.25 22.69
C MET A 63 20.51 -6.17 23.28
N LEU A 64 19.71 -6.82 22.44
CA LEU A 64 18.64 -7.77 22.87
C LEU A 64 19.14 -9.21 22.81
N GLU A 65 19.91 -9.55 21.77
CA GLU A 65 20.41 -10.93 21.50
C GLU A 65 21.40 -11.34 22.60
N LYS A 66 21.54 -12.65 22.82
CA LYS A 66 22.59 -13.25 23.68
C LYS A 66 23.95 -12.97 23.02
N PRO A 67 24.94 -12.41 23.74
CA PRO A 67 26.26 -12.12 23.17
C PRO A 67 26.89 -13.25 22.34
N GLU A 68 26.70 -14.51 22.75
CA GLU A 68 27.29 -15.71 22.10
C GLU A 68 26.56 -16.03 20.79
N ASN A 69 25.34 -15.51 20.59
CA ASN A 69 24.53 -15.70 19.36
C ASN A 69 24.82 -14.59 18.34
N LEU A 70 25.51 -13.51 18.73
CA LEU A 70 25.76 -12.33 17.86
C LEU A 70 26.82 -12.65 16.82
N THR A 71 26.42 -13.32 15.73
CA THR A 71 27.31 -13.78 14.64
C THR A 71 27.22 -12.75 13.52
N PRO A 72 28.25 -12.63 12.63
CA PRO A 72 28.14 -11.76 11.46
C PRO A 72 26.86 -12.01 10.64
N GLU A 73 26.47 -13.28 10.48
CA GLU A 73 25.28 -13.71 9.70
C GLU A 73 24.01 -13.09 10.32
N ASN A 74 23.89 -13.13 11.65
CA ASN A 74 22.69 -12.66 12.39
C ASN A 74 22.64 -11.13 12.38
N VAL A 75 23.80 -10.47 12.54
CA VAL A 75 23.88 -8.99 12.46
C VAL A 75 23.48 -8.56 11.04
N ARG A 76 23.85 -9.34 10.02
CA ARG A 76 23.45 -9.04 8.61
C ARG A 76 21.93 -9.18 8.48
N LEU A 77 21.31 -10.21 9.08
CA LEU A 77 19.83 -10.36 9.07
C LEU A 77 19.18 -9.12 9.72
N ALA A 78 19.71 -8.64 10.85
CA ALA A 78 19.24 -7.40 11.53
C ALA A 78 19.34 -6.21 10.56
N GLY A 79 20.46 -6.10 9.83
CA GLY A 79 20.66 -5.06 8.81
C GLY A 79 19.60 -5.13 7.72
N ILE A 80 19.25 -6.34 7.27
CA ILE A 80 18.22 -6.51 6.20
C ILE A 80 16.85 -6.06 6.74
N LEU A 81 16.52 -6.40 7.99
CA LEU A 81 15.28 -5.88 8.65
C LEU A 81 15.35 -4.34 8.71
N GLY A 82 16.51 -3.79 9.05
CA GLY A 82 16.75 -2.33 9.04
C GLY A 82 16.43 -1.72 7.70
N TRP A 83 16.84 -2.36 6.60
CA TRP A 83 16.57 -1.86 5.22
C TRP A 83 15.08 -1.96 4.89
N CYS A 84 14.39 -2.98 5.40
CA CYS A 84 12.91 -3.11 5.23
C CYS A 84 12.24 -1.90 5.91
N VAL A 85 12.73 -1.47 7.07
CA VAL A 85 12.20 -0.27 7.77
C VAL A 85 12.49 0.95 6.88
N GLU A 86 13.68 1.02 6.28
CA GLU A 86 14.06 2.17 5.41
C GLU A 86 13.24 2.14 4.11
N LEU A 87 12.83 0.98 3.61
CA LEU A 87 11.92 0.90 2.44
C LEU A 87 10.57 1.52 2.83
N LEU A 88 10.06 1.20 4.03
CA LEU A 88 8.81 1.80 4.55
C LEU A 88 9.01 3.32 4.72
N GLN A 89 10.09 3.74 5.38
CA GLN A 89 10.41 5.18 5.59
C GLN A 89 10.42 5.90 4.24
N ALA A 90 11.05 5.31 3.21
CA ALA A 90 11.17 5.97 1.88
C ALA A 90 9.78 6.13 1.27
N SER A 91 8.91 5.11 1.37
CA SER A 91 7.52 5.14 0.84
C SER A 91 6.74 6.28 1.52
N LEU A 92 6.92 6.48 2.82
CA LEU A 92 6.19 7.50 3.62
C LEU A 92 6.73 8.90 3.29
N LEU A 93 8.05 9.05 3.19
CA LEU A 93 8.70 10.35 2.88
C LEU A 93 8.26 10.80 1.48
N ILE A 94 8.39 9.91 0.49
CA ILE A 94 8.02 10.17 -0.94
C ILE A 94 6.57 10.65 -1.00
N MET A 95 5.65 9.93 -0.35
CA MET A 95 4.20 10.28 -0.36
C MET A 95 4.01 11.69 0.22
N ASP A 96 4.63 11.99 1.36
CA ASP A 96 4.46 13.28 2.08
C ASP A 96 5.03 14.41 1.23
N ASP A 97 6.11 14.15 0.50
CA ASP A 97 6.73 15.12 -0.43
C ASP A 97 5.79 15.35 -1.63
N LEU A 98 5.22 14.29 -2.20
CA LEU A 98 4.25 14.37 -3.33
C LEU A 98 3.04 15.20 -2.91
N MET A 99 2.55 15.00 -1.68
CA MET A 99 1.40 15.76 -1.11
C MET A 99 1.89 17.14 -0.65
N PHE A 119 0.51 10.07 -11.25
CA PHE A 119 0.25 8.70 -10.72
C PHE A 119 1.54 7.86 -10.69
N LEU A 120 2.44 8.07 -11.66
CA LEU A 120 3.74 7.33 -11.77
C LEU A 120 4.51 7.48 -10.45
N ALA A 121 4.54 8.69 -9.91
CA ALA A 121 5.17 9.04 -8.61
C ALA A 121 4.48 8.27 -7.48
N ILE A 122 3.15 8.31 -7.42
CA ILE A 122 2.34 7.66 -6.35
C ILE A 122 2.55 6.14 -6.42
N ASN A 123 2.50 5.55 -7.62
CA ASN A 123 2.71 4.10 -7.82
C ASN A 123 4.11 3.72 -7.34
N ASP A 124 5.12 4.58 -7.57
CA ASP A 124 6.52 4.31 -7.12
C ASP A 124 6.56 4.15 -5.59
N CYS A 125 5.85 4.99 -4.84
CA CYS A 125 5.81 4.91 -3.35
C CYS A 125 5.17 3.57 -2.93
N LEU A 126 4.04 3.19 -3.52
CA LEU A 126 3.35 1.90 -3.25
C LEU A 126 4.30 0.73 -3.58
N HIS A 127 5.07 0.86 -4.67
CA HIS A 127 5.99 -0.20 -5.15
C HIS A 127 7.16 -0.38 -4.19
N VAL A 128 7.76 0.73 -3.72
CA VAL A 128 8.87 0.72 -2.73
C VAL A 128 8.37 0.01 -1.46
N GLU A 129 7.20 0.38 -0.95
CA GLU A 129 6.62 -0.23 0.27
C GLU A 129 6.38 -1.72 0.03
N SER A 130 5.77 -2.06 -1.11
CA SER A 130 5.42 -3.47 -1.43
C SER A 130 6.68 -4.33 -1.50
N SER A 131 7.81 -3.78 -1.92
CA SER A 131 9.08 -4.54 -2.14
C SER A 131 9.63 -5.12 -0.83
N LEU A 132 9.35 -4.51 0.34
CA LEU A 132 9.94 -4.95 1.63
C LEU A 132 9.44 -6.37 1.96
N TYR A 133 8.21 -6.71 1.55
CA TYR A 133 7.63 -8.05 1.84
C TYR A 133 8.37 -9.12 1.01
N SER A 134 8.84 -8.77 -0.18
CA SER A 134 9.67 -9.65 -1.05
C SER A 134 11.01 -9.91 -0.36
N VAL A 135 11.60 -8.89 0.27
CA VAL A 135 12.90 -9.01 1.00
C VAL A 135 12.69 -9.92 2.23
N LEU A 136 11.60 -9.71 2.97
CA LEU A 136 11.29 -10.56 4.16
C LEU A 136 11.16 -12.02 3.72
N ARG A 137 10.49 -12.29 2.61
CA ARG A 137 10.25 -13.68 2.14
C ARG A 137 11.60 -14.32 1.78
N LYS A 138 12.48 -13.59 1.08
CA LYS A 138 13.77 -14.14 0.61
C LYS A 138 14.61 -14.57 1.82
N TYR A 139 14.71 -13.72 2.85
CA TYR A 139 15.75 -13.87 3.91
C TYR A 139 15.20 -14.51 5.19
N PHE A 140 13.88 -14.51 5.42
CA PHE A 140 13.30 -14.88 6.74
C PHE A 140 12.21 -15.96 6.65
N SER A 141 11.77 -16.39 5.45
CA SER A 141 10.60 -17.31 5.30
C SER A 141 10.85 -18.64 6.01
N HIS A 142 12.11 -19.01 6.21
CA HIS A 142 12.53 -20.30 6.80
C HIS A 142 12.72 -20.20 8.32
N LEU A 143 12.56 -19.01 8.92
CA LEU A 143 12.87 -18.77 10.36
C LEU A 143 11.59 -18.60 11.17
N PRO A 144 11.61 -18.95 12.47
CA PRO A 144 10.45 -18.81 13.35
C PRO A 144 9.89 -17.39 13.49
N CYS A 145 10.73 -16.36 13.30
CA CYS A 145 10.36 -14.93 13.46
C CYS A 145 9.57 -14.41 12.24
N TYR A 146 9.46 -15.20 11.18
CA TYR A 146 8.89 -14.77 9.87
C TYR A 146 7.49 -14.19 10.06
N VAL A 147 6.56 -14.98 10.60
CA VAL A 147 5.13 -14.57 10.67
C VAL A 147 4.99 -13.39 11.63
N PRO A 148 5.57 -13.43 12.86
CA PRO A 148 5.54 -12.25 13.73
C PRO A 148 6.03 -10.97 13.05
N ILE A 149 7.12 -11.06 12.28
CA ILE A 149 7.71 -9.87 11.60
C ILE A 149 6.73 -9.37 10.53
N ILE A 150 6.19 -10.27 9.69
CA ILE A 150 5.20 -9.88 8.64
C ILE A 150 4.00 -9.21 9.32
N GLU A 151 3.49 -9.80 10.41
CA GLU A 151 2.30 -9.27 11.11
C GLU A 151 2.62 -7.89 11.70
N LEU A 152 3.83 -7.68 12.20
CA LEU A 152 4.27 -6.38 12.79
C LEU A 152 4.23 -5.30 11.70
N PHE A 153 4.80 -5.60 10.52
CA PHE A 153 4.79 -4.65 9.37
C PHE A 153 3.35 -4.34 8.98
N HIS A 154 2.47 -5.35 8.89
CA HIS A 154 1.05 -5.15 8.55
C HIS A 154 0.38 -4.23 9.57
N ASP A 155 0.59 -4.51 10.85
CA ASP A 155 -0.07 -3.78 11.97
C ASP A 155 0.44 -2.33 11.98
N VAL A 156 1.75 -2.14 11.86
CA VAL A 156 2.38 -0.79 11.85
C VAL A 156 1.84 -0.01 10.65
N ASN A 157 1.69 -0.66 9.49
CA ASN A 157 1.12 0.01 8.27
C ASN A 157 -0.31 0.51 8.60
N PHE A 158 -1.16 -0.36 9.15
CA PHE A 158 -2.57 0.00 9.49
C PHE A 158 -2.59 1.18 10.47
N LYS A 159 -1.78 1.13 11.54
CA LYS A 159 -1.74 2.16 12.60
C LYS A 159 -1.21 3.48 12.01
N THR A 160 -0.21 3.40 11.14
CA THR A 160 0.37 4.60 10.47
C THR A 160 -0.73 5.28 9.63
N ASN A 161 -1.51 4.49 8.89
CA ASN A 161 -2.64 5.00 8.06
C ASN A 161 -3.66 5.71 8.97
N MET A 162 -3.98 5.12 10.12
CA MET A 162 -4.90 5.75 11.10
C MET A 162 -4.34 7.09 11.56
N GLY A 163 -3.03 7.16 11.82
CA GLY A 163 -2.34 8.39 12.26
C GLY A 163 -2.41 9.47 11.19
N GLN A 164 -2.19 9.10 9.93
CA GLN A 164 -2.28 10.06 8.79
C GLN A 164 -3.72 10.59 8.71
N SER A 165 -4.72 9.72 8.91
CA SER A 165 -6.14 10.09 8.85
C SER A 165 -6.47 11.11 9.95
N LEU A 166 -5.98 10.89 11.18
CA LEU A 166 -6.23 11.81 12.33
C LEU A 166 -5.56 13.16 12.03
N ASP A 167 -4.36 13.14 11.48
CA ASP A 167 -3.61 14.37 11.10
C ASP A 167 -4.46 15.17 10.11
N ALA A 168 -5.03 14.51 9.10
CA ALA A 168 -5.85 15.15 8.03
C ALA A 168 -7.15 15.72 8.62
N LEU A 169 -7.66 15.17 9.72
CA LEU A 169 -8.92 15.63 10.37
C LEU A 169 -8.67 16.92 11.18
N CYS A 170 -7.46 17.48 11.12
CA CYS A 170 -7.11 18.79 11.73
C CYS A 170 -7.12 19.89 10.66
N MET A 171 -7.46 19.55 9.42
CA MET A 171 -7.47 20.47 8.25
C MET A 171 -8.82 20.35 7.53
N LYS A 172 -9.45 21.48 7.19
CA LYS A 172 -10.70 21.56 6.38
C LYS A 172 -10.42 22.49 5.19
N ASP A 173 -10.56 21.98 3.97
CA ASP A 173 -10.13 22.65 2.71
C ASP A 173 -8.60 22.77 2.75
N GLY A 174 -8.05 23.99 2.80
CA GLY A 174 -6.62 24.23 3.04
C GLY A 174 -6.38 24.91 4.39
N ARG A 175 -7.40 24.89 5.26
CA ARG A 175 -7.46 25.72 6.50
C ARG A 175 -7.33 24.84 7.73
N PRO A 176 -6.39 25.12 8.67
CA PRO A 176 -6.33 24.37 9.93
C PRO A 176 -7.60 24.59 10.77
N ILE A 177 -8.07 23.53 11.43
CA ILE A 177 -9.23 23.54 12.37
C ILE A 177 -8.68 23.63 13.79
N LEU A 178 -8.54 24.83 14.33
CA LEU A 178 -7.77 25.07 15.59
C LEU A 178 -8.50 24.44 16.78
N SER A 179 -9.83 24.26 16.70
CA SER A 179 -10.63 23.56 17.74
C SER A 179 -10.15 22.11 17.88
N GLN A 180 -9.55 21.55 16.82
CA GLN A 180 -9.01 20.16 16.79
C GLN A 180 -7.60 20.09 17.43
N PHE A 181 -6.93 21.22 17.62
CA PHE A 181 -5.52 21.27 18.12
C PHE A 181 -5.51 21.13 19.65
N THR A 182 -5.84 19.93 20.15
CA THR A 182 -5.78 19.57 21.60
C THR A 182 -4.56 18.68 21.82
N MET A 183 -4.01 18.69 23.04
CA MET A 183 -2.80 17.89 23.39
C MET A 183 -3.14 16.40 23.23
N LYS A 184 -4.35 16.00 23.61
CA LYS A 184 -4.84 14.61 23.48
C LYS A 184 -4.77 14.17 22.01
N ARG A 185 -5.31 14.98 21.10
CA ARG A 185 -5.31 14.66 19.64
C ARG A 185 -3.87 14.68 19.12
N TYR A 186 -3.07 15.68 19.52
CA TYR A 186 -1.64 15.78 19.12
C TYR A 186 -0.91 14.50 19.52
N SER A 187 -1.06 14.06 20.77
CA SER A 187 -0.37 12.87 21.33
C SER A 187 -0.73 11.63 20.52
N SER A 188 -2.00 11.50 20.13
CA SER A 188 -2.52 10.37 19.32
C SER A 188 -1.93 10.41 17.90
N ILE A 189 -1.88 11.59 17.28
CA ILE A 189 -1.27 11.74 15.91
C ILE A 189 0.18 11.23 15.99
N VAL A 190 0.98 11.73 16.94
CA VAL A 190 2.42 11.38 17.05
C VAL A 190 2.53 9.86 17.25
N LYS A 191 1.74 9.29 18.16
CA LYS A 191 1.76 7.85 18.50
C LYS A 191 1.56 7.03 17.22
N TYR A 192 0.46 7.26 16.50
CA TYR A 192 0.00 6.43 15.35
C TYR A 192 0.77 6.77 14.07
N LYS A 193 0.96 8.06 13.78
CA LYS A 193 1.56 8.51 12.49
C LYS A 193 3.08 8.27 12.47
N THR A 194 3.74 8.34 13.64
CA THR A 194 5.22 8.47 13.69
C THR A 194 5.86 7.45 14.64
N SER A 195 5.44 7.38 15.91
CA SER A 195 6.15 6.63 16.97
C SER A 195 6.14 5.12 16.69
N TYR A 196 5.03 4.56 16.21
CA TYR A 196 4.90 3.11 15.94
C TYR A 196 6.00 2.69 14.95
N TYR A 197 6.10 3.35 13.79
CA TYR A 197 7.01 2.90 12.71
C TYR A 197 8.44 3.39 12.98
N THR A 198 8.62 4.49 13.72
CA THR A 198 9.96 5.10 13.94
C THR A 198 10.66 4.45 15.15
N PHE A 199 9.95 4.17 16.23
CA PHE A 199 10.55 3.66 17.50
C PHE A 199 10.15 2.21 17.79
N GLN A 200 8.85 1.89 17.76
CA GLN A 200 8.38 0.52 18.13
C GLN A 200 8.89 -0.49 17.09
N LEU A 201 8.79 -0.16 15.80
CA LEU A 201 9.06 -1.15 14.72
C LEU A 201 10.51 -1.65 14.81
N PRO A 202 11.54 -0.78 14.84
CA PRO A 202 12.93 -1.25 14.99
C PRO A 202 13.19 -2.16 16.21
N VAL A 203 12.64 -1.80 17.38
CA VAL A 203 12.91 -2.53 18.65
C VAL A 203 12.18 -3.89 18.59
N SER A 204 10.91 -3.89 18.19
CA SER A 204 10.12 -5.14 18.06
C SER A 204 10.76 -6.08 17.04
N LEU A 205 11.34 -5.54 15.96
CA LEU A 205 12.05 -6.37 14.94
C LEU A 205 13.29 -7.02 15.58
N GLY A 206 14.09 -6.24 16.33
CA GLY A 206 15.25 -6.74 17.08
C GLY A 206 14.82 -7.84 18.05
N MET A 207 13.71 -7.62 18.74
CA MET A 207 13.16 -8.58 19.73
C MET A 207 12.78 -9.88 19.02
N TYR A 208 12.06 -9.81 17.90
CA TYR A 208 11.62 -11.03 17.14
C TYR A 208 12.85 -11.78 16.60
N LEU A 209 13.85 -11.07 16.07
CA LEU A 209 15.05 -11.73 15.50
C LEU A 209 15.81 -12.45 16.63
N ALA A 210 15.76 -11.91 17.87
CA ALA A 210 16.36 -12.50 19.09
C ALA A 210 15.41 -13.52 19.72
N ASP A 211 14.34 -13.90 19.04
CA ASP A 211 13.35 -14.94 19.45
C ASP A 211 12.71 -14.55 20.80
N MET A 212 12.43 -13.25 21.00
CA MET A 212 11.66 -12.72 22.15
C MET A 212 10.22 -12.43 21.69
N TYR A 213 9.27 -13.32 22.02
CA TYR A 213 7.87 -13.29 21.50
C TYR A 213 6.86 -12.93 22.60
N ASP A 214 7.31 -12.78 23.85
CA ASP A 214 6.46 -12.49 25.03
C ASP A 214 5.75 -11.15 24.82
N PRO A 215 4.40 -11.12 24.62
CA PRO A 215 3.70 -9.87 24.34
C PRO A 215 3.88 -8.81 25.44
N GLU A 216 4.09 -9.25 26.69
CA GLU A 216 4.33 -8.37 27.87
C GLU A 216 5.65 -7.61 27.71
N GLN A 217 6.68 -8.27 27.18
CA GLN A 217 8.00 -7.65 26.86
C GLN A 217 7.81 -6.57 25.78
N HIS A 218 7.03 -6.87 24.73
CA HIS A 218 6.72 -5.92 23.61
C HIS A 218 5.89 -4.75 24.15
N ARG A 219 4.95 -5.03 25.07
CA ARG A 219 4.05 -4.04 25.72
C ARG A 219 4.88 -3.06 26.56
N GLN A 220 5.80 -3.56 27.37
CA GLN A 220 6.67 -2.76 28.28
C GLN A 220 7.60 -1.86 27.45
N ALA A 221 8.21 -2.41 26.41
CA ALA A 221 9.05 -1.68 25.44
C ALA A 221 8.23 -0.53 24.82
N LYS A 222 7.01 -0.83 24.39
CA LYS A 222 6.09 0.14 23.73
C LYS A 222 5.81 1.33 24.65
N THR A 223 5.45 1.09 25.92
CA THR A 223 5.09 2.19 26.86
C THR A 223 6.25 3.20 26.90
N ILE A 224 7.50 2.73 26.94
CA ILE A 224 8.72 3.59 27.01
C ILE A 224 8.93 4.26 25.65
N LEU A 225 8.88 3.49 24.57
CA LEU A 225 9.22 3.98 23.20
C LEU A 225 8.20 5.03 22.75
N MET A 226 6.93 4.93 23.16
CA MET A 226 5.89 5.94 22.81
C MET A 226 6.19 7.26 23.54
N GLU A 227 6.70 7.20 24.78
CA GLU A 227 7.07 8.39 25.58
C GLU A 227 8.30 9.07 24.95
N ILE A 228 9.31 8.29 24.55
CA ILE A 228 10.52 8.80 23.85
C ILE A 228 10.08 9.42 22.52
N GLY A 229 9.20 8.72 21.79
CA GLY A 229 8.66 9.16 20.49
C GLY A 229 7.98 10.52 20.60
N GLU A 230 7.21 10.73 21.68
CA GLU A 230 6.50 12.00 21.91
C GLU A 230 7.53 13.12 22.10
N PHE A 231 8.58 12.91 22.89
CA PHE A 231 9.63 13.94 23.06
C PHE A 231 10.30 14.22 21.71
N PHE A 232 10.65 13.16 20.97
CA PHE A 232 11.32 13.26 19.66
C PHE A 232 10.55 14.24 18.77
N GLN A 233 9.22 14.10 18.67
CA GLN A 233 8.39 14.90 17.73
C GLN A 233 8.20 16.32 18.29
N ILE A 234 8.04 16.45 19.60
CA ILE A 234 7.89 17.79 20.25
C ILE A 234 9.17 18.59 19.99
N GLN A 235 10.34 17.96 20.13
CA GLN A 235 11.65 18.60 19.84
C GLN A 235 11.72 19.01 18.37
N ASP A 236 11.32 18.11 17.47
CA ASP A 236 11.28 18.38 16.01
C ASP A 236 10.37 19.59 15.75
N ASP A 237 9.19 19.62 16.37
CA ASP A 237 8.20 20.72 16.24
C ASP A 237 8.82 22.03 16.73
N PHE A 238 9.48 21.99 17.89
CA PHE A 238 10.12 23.19 18.49
C PHE A 238 11.19 23.74 17.53
N LEU A 239 12.05 22.86 17.02
CA LEU A 239 13.19 23.24 16.15
C LEU A 239 12.68 23.71 14.78
N ASP A 240 11.49 23.27 14.34
CA ASP A 240 10.90 23.74 13.06
C ASP A 240 10.82 25.27 13.06
N ALA A 241 10.41 25.87 14.17
CA ALA A 241 10.20 27.33 14.33
C ALA A 241 11.46 28.01 14.88
N PHE A 242 12.16 27.39 15.83
CA PHE A 242 13.20 28.05 16.67
C PHE A 242 14.61 27.50 16.39
N GLY A 243 14.73 26.50 15.51
CA GLY A 243 16.03 25.88 15.16
C GLY A 243 16.86 26.82 14.29
N ASP A 244 18.17 26.58 14.22
CA ASP A 244 19.11 27.30 13.32
C ASP A 244 19.23 26.50 12.01
N SER A 245 18.97 27.15 10.86
CA SER A 245 19.08 26.56 9.51
C SER A 245 20.46 25.91 9.33
N LYS A 250 16.95 22.57 6.81
CA LYS A 250 15.85 23.25 6.05
C LYS A 250 15.34 24.46 6.84
N VAL A 251 14.63 25.36 6.16
CA VAL A 251 13.81 26.45 6.78
C VAL A 251 12.42 25.87 7.03
N GLY A 252 12.00 25.80 8.31
CA GLY A 252 10.74 25.14 8.73
C GLY A 252 9.52 25.80 8.13
N THR A 253 8.49 25.01 7.78
CA THR A 253 7.25 25.47 7.10
C THR A 253 5.99 24.97 7.82
N ASP A 254 6.10 24.49 9.07
CA ASP A 254 4.94 23.96 9.84
C ASP A 254 3.84 25.03 9.92
N ILE A 255 4.19 26.27 10.27
CA ILE A 255 3.22 27.40 10.44
C ILE A 255 2.50 27.65 9.11
N LYS A 256 3.28 27.83 8.03
CA LYS A 256 2.80 28.04 6.62
C LYS A 256 1.81 26.92 6.25
N GLU A 257 2.14 25.68 6.56
CA GLU A 257 1.36 24.48 6.12
C GLU A 257 0.21 24.20 7.09
N GLY A 258 0.10 24.95 8.19
CA GLY A 258 -0.99 24.82 9.17
C GLY A 258 -0.94 23.50 9.91
N LYS A 259 0.26 22.99 10.20
CA LYS A 259 0.47 21.65 10.80
C LYS A 259 0.00 21.68 12.26
N CYS A 260 -0.54 20.56 12.75
CA CYS A 260 -0.86 20.33 14.18
C CYS A 260 0.45 20.06 14.93
N SER A 261 1.17 21.14 15.23
CA SER A 261 2.51 21.18 15.91
C SER A 261 2.29 21.33 17.41
N TRP A 262 3.22 20.84 18.22
CA TRP A 262 3.22 21.04 19.70
C TRP A 262 3.16 22.55 20.01
N LEU A 263 3.91 23.36 19.26
CA LEU A 263 3.92 24.85 19.44
C LEU A 263 2.51 25.42 19.28
N ALA A 264 1.79 25.03 18.23
CA ALA A 264 0.42 25.51 17.94
C ALA A 264 -0.53 25.05 19.06
N VAL A 265 -0.39 23.80 19.53
CA VAL A 265 -1.27 23.23 20.60
C VAL A 265 -1.07 24.02 21.91
N VAL A 266 0.17 24.22 22.33
CA VAL A 266 0.51 24.91 23.61
C VAL A 266 0.19 26.41 23.47
N ALA A 267 0.40 26.99 22.28
CA ALA A 267 0.04 28.40 22.00
C ALA A 267 -1.45 28.60 22.29
N LEU A 268 -2.30 27.68 21.81
CA LEU A 268 -3.77 27.77 21.98
C LEU A 268 -4.15 27.60 23.45
N GLN A 269 -3.40 26.79 24.20
CA GLN A 269 -3.61 26.60 25.67
C GLN A 269 -3.33 27.90 26.43
N ARG A 270 -2.28 28.63 26.03
CA ARG A 270 -1.69 29.76 26.80
C ARG A 270 -2.30 31.11 26.33
N SER A 271 -2.99 31.13 25.19
CA SER A 271 -3.45 32.37 24.50
C SER A 271 -4.66 32.97 25.23
N ASN A 272 -4.68 34.30 25.37
CA ASN A 272 -5.90 35.07 25.75
C ASN A 272 -6.74 35.22 24.47
N PRO A 273 -7.99 35.72 24.55
CA PRO A 273 -8.84 35.83 23.36
C PRO A 273 -8.19 36.60 22.19
N ALA A 274 -7.45 37.67 22.48
CA ALA A 274 -6.75 38.51 21.47
C ALA A 274 -5.66 37.68 20.77
N GLN A 275 -4.90 36.91 21.53
CA GLN A 275 -3.82 36.02 21.02
C GLN A 275 -4.43 34.87 20.20
N ARG A 276 -5.55 34.31 20.67
CA ARG A 276 -6.32 33.25 19.95
C ARG A 276 -6.73 33.79 18.57
N GLN A 277 -7.20 35.04 18.50
CA GLN A 277 -7.61 35.70 17.23
C GLN A 277 -6.42 35.74 16.25
N ILE A 278 -5.21 36.00 16.75
CA ILE A 278 -3.97 36.08 15.91
C ILE A 278 -3.73 34.71 15.27
N MET A 279 -3.85 33.63 16.05
CA MET A 279 -3.72 32.23 15.55
C MET A 279 -4.78 32.00 14.47
N GLU A 280 -6.04 32.33 14.76
CA GLU A 280 -7.19 32.09 13.84
C GLU A 280 -6.91 32.79 12.52
N GLU A 281 -6.38 34.02 12.54
CA GLU A 281 -6.21 34.85 11.33
C GLU A 281 -4.96 34.42 10.53
N HIS A 282 -3.86 34.08 11.18
CA HIS A 282 -2.52 33.97 10.53
C HIS A 282 -1.98 32.54 10.46
N TYR A 283 -2.47 31.60 11.28
CA TYR A 283 -1.94 30.21 11.26
C TYR A 283 -2.38 29.52 9.96
N GLY A 284 -1.42 28.96 9.22
CA GLY A 284 -1.65 28.22 7.96
C GLY A 284 -1.82 29.12 6.75
N ARG A 285 -1.42 30.39 6.85
CA ARG A 285 -1.42 31.35 5.70
C ARG A 285 -0.10 31.25 4.96
N PRO A 286 -0.07 31.44 3.61
CA PRO A 286 1.18 31.35 2.86
C PRO A 286 2.11 32.56 2.95
N GLU A 287 1.60 33.74 3.32
CA GLU A 287 2.38 35.02 3.31
C GLU A 287 3.50 34.93 4.34
N PRO A 288 4.76 35.28 3.99
CA PRO A 288 5.86 35.24 4.94
C PRO A 288 5.60 36.11 6.19
N GLU A 289 4.87 37.21 6.06
CA GLU A 289 4.51 38.11 7.21
C GLU A 289 3.67 37.33 8.22
N SER A 290 2.76 36.46 7.77
CA SER A 290 1.86 35.65 8.65
C SER A 290 2.69 34.64 9.46
N THR A 291 3.75 34.06 8.88
CA THR A 291 4.67 33.13 9.60
C THR A 291 5.40 33.93 10.69
N GLN A 292 5.85 35.15 10.37
CA GLN A 292 6.59 36.01 11.34
C GLN A 292 5.65 36.38 12.50
N ILE A 293 4.39 36.70 12.22
CA ILE A 293 3.38 37.07 13.25
C ILE A 293 3.24 35.89 14.23
N ILE A 294 3.10 34.67 13.72
CA ILE A 294 2.92 33.46 14.58
C ILE A 294 4.19 33.23 15.39
N LYS A 295 5.37 33.29 14.76
CA LYS A 295 6.69 33.11 15.44
C LYS A 295 6.79 34.10 16.61
N ASN A 296 6.40 35.35 16.38
CA ASN A 296 6.47 36.44 17.38
C ASN A 296 5.48 36.14 18.51
N LEU A 297 4.31 35.58 18.18
CA LEU A 297 3.29 35.19 19.20
C LEU A 297 3.86 34.07 20.07
N TYR A 298 4.52 33.07 19.47
CA TYR A 298 5.16 31.93 20.17
C TYR A 298 6.20 32.48 21.17
N ILE A 299 6.98 33.47 20.73
CA ILE A 299 7.99 34.16 21.59
C ILE A 299 7.26 34.88 22.73
N GLU A 300 6.22 35.66 22.41
CA GLU A 300 5.41 36.42 23.39
C GLU A 300 4.83 35.46 24.44
N LEU A 301 4.41 34.25 24.04
CA LEU A 301 3.72 33.29 24.93
C LEU A 301 4.73 32.47 25.74
N GLY A 302 6.03 32.64 25.50
CA GLY A 302 7.11 31.97 26.27
C GLY A 302 7.19 30.49 25.94
N LEU A 303 6.96 30.12 24.68
CA LEU A 303 7.03 28.70 24.24
C LEU A 303 8.47 28.17 24.37
N PRO A 304 9.53 28.95 24.07
CA PRO A 304 10.90 28.46 24.26
C PRO A 304 11.19 28.01 25.70
N ALA A 305 10.74 28.78 26.69
CA ALA A 305 10.89 28.46 28.14
C ALA A 305 10.06 27.23 28.50
N THR A 306 8.83 27.14 28.00
CA THR A 306 7.90 26.00 28.20
C THR A 306 8.55 24.72 27.64
N PHE A 307 9.17 24.80 26.45
CA PHE A 307 9.87 23.65 25.84
C PHE A 307 11.05 23.22 26.73
N ALA A 308 11.84 24.18 27.22
CA ALA A 308 13.00 23.94 28.09
C ALA A 308 12.58 23.11 29.31
N VAL A 309 11.46 23.49 29.95
CA VAL A 309 10.91 22.81 31.15
C VAL A 309 10.48 21.38 30.76
N TYR A 310 9.77 21.23 29.64
CA TYR A 310 9.26 19.92 29.14
C TYR A 310 10.44 18.98 28.89
N GLU A 311 11.51 19.47 28.24
CA GLU A 311 12.70 18.64 27.89
C GLU A 311 13.28 18.05 29.19
N GLU A 312 13.51 18.88 30.20
CA GLU A 312 14.09 18.47 31.51
C GLU A 312 13.16 17.45 32.20
N GLU A 313 11.87 17.78 32.31
CA GLU A 313 10.87 16.98 33.07
C GLU A 313 10.62 15.64 32.37
N SER A 314 10.41 15.65 31.05
CA SER A 314 10.17 14.43 30.22
C SER A 314 11.37 13.48 30.34
N PHE A 315 12.59 14.01 30.21
CA PHE A 315 13.87 13.25 30.34
C PHE A 315 13.86 12.49 31.69
N ASN A 316 13.59 13.21 32.77
CA ASN A 316 13.58 12.66 34.16
C ASN A 316 12.50 11.59 34.31
N ILE A 317 11.30 11.85 33.79
CA ILE A 317 10.10 10.96 33.92
C ILE A 317 10.36 9.66 33.15
N ILE A 318 10.85 9.75 31.91
CA ILE A 318 11.12 8.56 31.04
C ILE A 318 12.21 7.69 31.71
N ARG A 319 13.25 8.34 32.23
CA ARG A 319 14.42 7.67 32.89
C ARG A 319 13.93 6.85 34.09
N THR A 320 13.03 7.41 34.90
CA THR A 320 12.37 6.73 36.04
C THR A 320 11.62 5.49 35.54
N HIS A 321 10.92 5.61 34.41
CA HIS A 321 10.09 4.53 33.81
C HIS A 321 11.00 3.40 33.30
N ILE A 322 12.17 3.73 32.75
CA ILE A 322 13.17 2.74 32.26
C ILE A 322 13.72 1.95 33.45
N HIS A 323 13.95 2.61 34.59
CA HIS A 323 14.46 2.00 35.85
C HIS A 323 13.44 0.98 36.40
N GLN A 324 12.15 1.17 36.09
CA GLN A 324 11.02 0.31 36.55
C GLN A 324 10.77 -0.84 35.55
N ILE A 325 11.51 -0.90 34.44
CA ILE A 325 11.37 -1.96 33.40
C ILE A 325 11.84 -3.29 33.99
N SER A 326 10.93 -4.26 34.10
CA SER A 326 11.17 -5.62 34.63
C SER A 326 11.40 -6.59 33.46
N LYS A 327 11.41 -7.89 33.73
CA LYS A 327 11.61 -8.98 32.72
C LYS A 327 13.04 -8.89 32.20
N GLY A 328 13.31 -9.50 31.03
CA GLY A 328 14.65 -9.54 30.42
C GLY A 328 14.88 -8.42 29.42
N LEU A 329 14.25 -7.26 29.62
CA LEU A 329 14.47 -6.06 28.76
C LEU A 329 15.70 -5.31 29.27
N PRO A 330 16.72 -5.08 28.40
CA PRO A 330 17.90 -4.32 28.79
C PRO A 330 17.65 -2.81 28.87
N HIS A 331 17.86 -2.23 30.06
CA HIS A 331 17.78 -0.77 30.35
C HIS A 331 18.69 -0.01 29.37
N ASP A 332 19.87 -0.60 29.11
CA ASP A 332 20.97 -0.08 28.25
C ASP A 332 20.43 0.38 26.89
N LEU A 333 19.54 -0.40 26.28
CA LEU A 333 18.98 -0.13 24.92
C LEU A 333 18.19 1.19 24.96
N PHE A 334 17.33 1.37 25.97
CA PHE A 334 16.41 2.54 26.06
C PHE A 334 17.20 3.80 26.41
N PHE A 335 18.23 3.70 27.26
CA PHE A 335 19.14 4.83 27.61
C PHE A 335 19.92 5.26 26.36
N LYS A 336 20.37 4.30 25.54
CA LYS A 336 21.10 4.59 24.28
C LYS A 336 20.19 5.38 23.33
N ILE A 337 18.95 4.92 23.13
CA ILE A 337 17.93 5.59 22.27
C ILE A 337 17.70 7.01 22.81
N MET A 338 17.59 7.17 24.13
CA MET A 338 17.39 8.48 24.81
C MET A 338 18.57 9.41 24.50
N LYS A 339 19.81 8.95 24.72
CA LYS A 339 21.05 9.76 24.54
C LYS A 339 21.12 10.31 23.11
N LYS A 340 20.74 9.50 22.12
CA LYS A 340 20.66 9.88 20.68
C LYS A 340 19.72 11.08 20.52
N ILE A 341 18.52 11.01 21.14
CA ILE A 341 17.40 12.00 20.96
C ILE A 341 17.68 13.24 21.81
N TYR A 342 18.05 13.06 23.09
CA TYR A 342 18.14 14.15 24.11
C TYR A 342 19.52 14.82 24.06
N LYS A 343 20.57 14.07 23.71
CA LYS A 343 21.98 14.56 23.64
C LYS A 343 22.48 14.40 22.20
N PHE B 3 -23.88 -16.43 -10.24
CA PHE B 3 -23.91 -16.72 -8.78
C PHE B 3 -25.36 -16.89 -8.30
N SER B 4 -25.63 -17.90 -7.47
CA SER B 4 -26.97 -18.22 -6.92
C SER B 4 -27.40 -17.14 -5.92
N LYS B 5 -28.69 -17.05 -5.63
CA LYS B 5 -29.28 -16.14 -4.60
C LYS B 5 -28.62 -16.43 -3.25
N GLU B 6 -28.55 -17.70 -2.85
CA GLU B 6 -27.97 -18.12 -1.54
C GLU B 6 -26.50 -17.68 -1.46
N GLU B 7 -25.69 -17.94 -2.51
CA GLU B 7 -24.26 -17.56 -2.57
C GLU B 7 -24.13 -16.05 -2.36
N SER B 8 -24.92 -15.26 -3.09
CA SER B 8 -24.88 -13.77 -3.03
C SER B 8 -25.29 -13.29 -1.64
N ARG B 9 -26.39 -13.81 -1.09
CA ARG B 9 -26.93 -13.38 0.22
C ARG B 9 -25.95 -13.74 1.34
N GLU B 10 -25.42 -14.97 1.32
CA GLU B 10 -24.47 -15.43 2.35
C GLU B 10 -23.21 -14.56 2.29
N PHE B 11 -22.74 -14.23 1.08
CA PHE B 11 -21.51 -13.41 0.89
C PHE B 11 -21.77 -12.00 1.48
N MET B 12 -22.91 -11.41 1.15
CA MET B 12 -23.25 -10.03 1.57
C MET B 12 -23.40 -9.96 3.10
N ALA B 13 -23.85 -11.05 3.74
CA ALA B 13 -24.07 -11.13 5.20
C ALA B 13 -22.74 -10.99 5.96
N ILE B 14 -21.61 -11.32 5.35
CA ILE B 14 -20.27 -11.24 6.00
C ILE B 14 -19.84 -9.77 6.14
N PHE B 15 -20.21 -8.93 5.19
CA PHE B 15 -19.64 -7.55 5.10
C PHE B 15 -19.74 -6.78 6.43
N PRO B 16 -20.93 -6.66 7.07
CA PRO B 16 -21.04 -5.88 8.31
C PRO B 16 -20.15 -6.40 9.44
N ASP B 17 -19.86 -7.71 9.46
CA ASP B 17 -18.93 -8.27 10.46
C ASP B 17 -17.50 -7.74 10.25
N ILE B 18 -17.04 -7.75 8.99
CA ILE B 18 -15.67 -7.28 8.63
C ILE B 18 -15.54 -5.81 9.03
N VAL B 19 -16.56 -4.99 8.80
CA VAL B 19 -16.53 -3.56 9.24
C VAL B 19 -16.38 -3.49 10.76
N ARG B 20 -17.17 -4.25 11.55
CA ARG B 20 -17.06 -4.21 13.03
C ARG B 20 -15.67 -4.72 13.44
N ASP B 21 -15.16 -5.76 12.79
CA ASP B 21 -13.85 -6.36 13.13
C ASP B 21 -12.79 -5.27 13.02
N LEU B 22 -12.87 -4.44 11.97
CA LEU B 22 -11.84 -3.41 11.64
C LEU B 22 -12.04 -2.11 12.44
N THR B 23 -13.25 -1.82 12.94
CA THR B 23 -13.58 -0.48 13.51
C THR B 23 -14.30 -0.49 14.86
N ASP B 24 -14.99 -1.58 15.25
CA ASP B 24 -15.87 -1.57 16.45
C ASP B 24 -15.75 -2.90 17.20
N ALA B 25 -14.53 -3.25 17.62
CA ALA B 25 -14.23 -4.51 18.36
C ALA B 25 -13.30 -4.23 19.55
N GLY B 26 -13.37 -3.04 20.14
CA GLY B 26 -12.69 -2.67 21.39
C GLY B 26 -11.27 -2.15 21.18
N ARG B 27 -10.79 -2.05 19.93
CA ARG B 27 -9.40 -1.67 19.57
C ARG B 27 -9.31 -0.16 19.27
N HIS B 28 -8.11 0.41 19.41
CA HIS B 28 -7.78 1.82 19.09
C HIS B 28 -8.75 2.74 19.83
N THR B 29 -8.96 2.45 21.12
CA THR B 29 -9.94 3.07 22.04
C THR B 29 -9.72 4.58 22.11
N ASP B 30 -8.48 5.02 21.87
CA ASP B 30 -8.03 6.43 22.08
C ASP B 30 -8.41 7.29 20.86
N ILE B 31 -8.81 6.70 19.74
CA ILE B 31 -9.01 7.44 18.44
C ILE B 31 -10.34 7.08 17.78
N PRO B 32 -11.49 7.28 18.47
CA PRO B 32 -12.80 6.90 17.93
C PRO B 32 -13.25 7.74 16.71
N GLU B 33 -12.77 8.97 16.57
CA GLU B 33 -13.06 9.85 15.41
C GLU B 33 -12.56 9.17 14.11
N VAL B 34 -11.35 8.59 14.15
CA VAL B 34 -10.68 7.93 12.99
C VAL B 34 -11.41 6.63 12.65
N THR B 35 -11.70 5.80 13.64
CA THR B 35 -12.33 4.47 13.42
C THR B 35 -13.75 4.67 12.89
N LYS B 36 -14.50 5.61 13.47
CA LYS B 36 -15.90 5.91 13.03
C LYS B 36 -15.85 6.37 11.58
N ARG B 37 -14.89 7.22 11.23
CA ARG B 37 -14.72 7.67 9.84
C ARG B 37 -14.36 6.48 8.94
N PHE B 38 -13.42 5.62 9.37
CA PHE B 38 -12.95 4.47 8.55
C PHE B 38 -14.11 3.51 8.28
N ALA B 39 -15.02 3.31 9.25
CA ALA B 39 -16.22 2.46 9.06
C ALA B 39 -17.03 3.03 7.88
N LYS B 40 -17.17 4.36 7.82
CA LYS B 40 -17.92 5.05 6.73
C LYS B 40 -17.17 4.89 5.40
N VAL B 41 -15.83 4.98 5.41
CA VAL B 41 -15.01 4.77 4.18
C VAL B 41 -15.27 3.35 3.64
N LEU B 42 -15.25 2.35 4.51
CA LEU B 42 -15.51 0.94 4.09
C LEU B 42 -16.94 0.81 3.56
N GLN B 43 -17.91 1.29 4.32
CA GLN B 43 -19.37 1.15 4.00
C GLN B 43 -19.66 1.86 2.66
N TYR B 44 -19.07 3.03 2.44
CA TYR B 44 -19.44 3.87 1.28
C TYR B 44 -18.82 3.32 -0.02
N ASN B 45 -17.70 2.59 0.06
CA ASN B 45 -16.83 2.26 -1.10
C ASN B 45 -16.74 0.76 -1.41
N VAL B 46 -16.89 -0.12 -0.42
CA VAL B 46 -16.47 -1.56 -0.58
C VAL B 46 -17.65 -2.46 -0.99
N PRO B 47 -18.86 -2.37 -0.40
CA PRO B 47 -19.89 -3.40 -0.62
C PRO B 47 -20.89 -3.17 -1.77
N THR B 48 -20.64 -2.14 -2.59
CA THR B 48 -21.56 -1.62 -3.63
C THR B 48 -21.20 -2.24 -4.99
N GLY B 49 -22.18 -2.37 -5.88
CA GLY B 49 -21.98 -3.01 -7.21
C GLY B 49 -21.82 -4.51 -7.10
N LYS B 50 -21.17 -5.14 -8.08
CA LYS B 50 -21.37 -6.56 -8.46
C LYS B 50 -20.54 -7.55 -7.61
N LYS B 51 -19.34 -7.18 -7.16
CA LYS B 51 -18.44 -8.04 -6.32
C LYS B 51 -18.08 -9.34 -7.04
N THR B 52 -17.75 -9.27 -8.32
CA THR B 52 -17.45 -10.46 -9.16
C THR B 52 -16.20 -11.17 -8.63
N ARG B 53 -15.18 -10.43 -8.19
CA ARG B 53 -13.88 -11.01 -7.74
C ARG B 53 -14.10 -11.75 -6.42
N GLY B 54 -14.86 -11.14 -5.50
CA GLY B 54 -15.20 -11.73 -4.20
C GLY B 54 -16.00 -13.00 -4.35
N LEU B 55 -17.06 -12.96 -5.15
CA LEU B 55 -17.94 -14.15 -5.37
C LEU B 55 -17.18 -15.22 -6.16
N SER B 56 -16.23 -14.82 -7.01
CA SER B 56 -15.38 -15.76 -7.79
C SER B 56 -14.50 -16.59 -6.84
N THR B 57 -14.05 -15.98 -5.73
CA THR B 57 -13.21 -16.66 -4.70
C THR B 57 -14.04 -17.78 -4.06
N VAL B 58 -15.29 -17.45 -3.71
CA VAL B 58 -16.25 -18.40 -3.08
C VAL B 58 -16.52 -19.54 -4.05
N ILE B 59 -16.88 -19.24 -5.30
CA ILE B 59 -17.19 -20.26 -6.35
C ILE B 59 -15.96 -21.15 -6.56
N ALA B 60 -14.77 -20.56 -6.66
CA ALA B 60 -13.50 -21.30 -6.83
C ALA B 60 -13.38 -22.32 -5.68
N TYR B 61 -13.51 -21.85 -4.44
CA TYR B 61 -13.38 -22.73 -3.24
C TYR B 61 -14.42 -23.86 -3.32
N LYS B 62 -15.68 -23.52 -3.59
CA LYS B 62 -16.77 -24.54 -3.58
C LYS B 62 -16.54 -25.60 -4.67
N MET B 63 -15.86 -25.25 -5.78
CA MET B 63 -15.68 -26.20 -6.92
C MET B 63 -14.31 -26.90 -6.83
N LEU B 64 -13.43 -26.49 -5.92
CA LEU B 64 -12.08 -27.10 -5.75
C LEU B 64 -12.04 -28.01 -4.52
N GLU B 65 -12.75 -27.63 -3.44
CA GLU B 65 -12.76 -28.40 -2.16
C GLU B 65 -13.47 -29.73 -2.39
N LYS B 66 -13.12 -30.72 -1.59
CA LYS B 66 -13.84 -32.02 -1.53
C LYS B 66 -15.25 -31.76 -1.01
N PRO B 67 -16.31 -32.23 -1.72
CA PRO B 67 -17.70 -32.03 -1.28
C PRO B 67 -17.97 -32.28 0.21
N GLU B 68 -17.30 -33.26 0.82
CA GLU B 68 -17.50 -33.67 2.25
C GLU B 68 -16.96 -32.57 3.19
N ASN B 69 -15.99 -31.76 2.73
CA ASN B 69 -15.35 -30.68 3.53
C ASN B 69 -16.10 -29.34 3.38
N LEU B 70 -17.12 -29.25 2.52
CA LEU B 70 -17.83 -27.98 2.21
C LEU B 70 -18.86 -27.66 3.31
N THR B 71 -18.40 -27.26 4.49
CA THR B 71 -19.26 -26.89 5.65
C THR B 71 -19.69 -25.43 5.53
N PRO B 72 -20.78 -25.01 6.20
CA PRO B 72 -21.11 -23.58 6.28
C PRO B 72 -19.93 -22.76 6.79
N GLU B 73 -19.18 -23.28 7.77
CA GLU B 73 -18.02 -22.58 8.39
C GLU B 73 -16.93 -22.34 7.35
N ASN B 74 -16.64 -23.34 6.51
CA ASN B 74 -15.57 -23.26 5.47
C ASN B 74 -16.01 -22.35 4.32
N VAL B 75 -17.27 -22.42 3.90
CA VAL B 75 -17.82 -21.57 2.81
C VAL B 75 -17.79 -20.12 3.31
N ARG B 76 -18.00 -19.89 4.61
CA ARG B 76 -17.93 -18.53 5.20
C ARG B 76 -16.48 -18.02 5.16
N LEU B 77 -15.49 -18.88 5.44
CA LEU B 77 -14.05 -18.48 5.33
C LEU B 77 -13.74 -18.10 3.88
N ALA B 78 -14.27 -18.84 2.90
CA ALA B 78 -14.10 -18.51 1.46
C ALA B 78 -14.69 -17.12 1.21
N GLY B 79 -15.86 -16.83 1.81
CA GLY B 79 -16.52 -15.50 1.68
C GLY B 79 -15.64 -14.42 2.26
N ILE B 80 -15.00 -14.67 3.40
CA ILE B 80 -14.09 -13.68 4.05
C ILE B 80 -12.89 -13.44 3.13
N LEU B 81 -12.33 -14.48 2.52
CA LEU B 81 -11.23 -14.31 1.54
C LEU B 81 -11.72 -13.46 0.37
N GLY B 82 -12.93 -13.73 -0.13
CA GLY B 82 -13.56 -12.94 -1.21
C GLY B 82 -13.63 -11.48 -0.82
N TRP B 83 -13.99 -11.17 0.42
CA TRP B 83 -14.06 -9.74 0.86
C TRP B 83 -12.65 -9.16 0.91
N CYS B 84 -11.62 -9.95 1.24
CA CYS B 84 -10.21 -9.45 1.22
C CYS B 84 -9.87 -9.03 -0.23
N VAL B 85 -10.32 -9.80 -1.23
CA VAL B 85 -10.10 -9.44 -2.66
C VAL B 85 -10.86 -8.12 -2.95
N GLU B 86 -12.08 -8.00 -2.42
CA GLU B 86 -12.92 -6.80 -2.66
C GLU B 86 -12.32 -5.60 -1.92
N LEU B 87 -11.62 -5.78 -0.80
CA LEU B 87 -10.91 -4.65 -0.14
C LEU B 87 -9.80 -4.16 -1.09
N LEU B 88 -9.03 -5.08 -1.66
CA LEU B 88 -7.97 -4.77 -2.63
C LEU B 88 -8.61 -4.04 -3.83
N GLN B 89 -9.71 -4.58 -4.37
CA GLN B 89 -10.40 -4.01 -5.56
C GLN B 89 -10.84 -2.58 -5.23
N ALA B 90 -11.44 -2.36 -4.05
CA ALA B 90 -11.92 -1.01 -3.63
C ALA B 90 -10.73 -0.05 -3.58
N SER B 91 -9.59 -0.48 -3.03
CA SER B 91 -8.37 0.38 -2.93
C SER B 91 -7.90 0.78 -4.33
N LEU B 92 -7.93 -0.13 -5.30
CA LEU B 92 -7.46 0.14 -6.68
C LEU B 92 -8.45 1.06 -7.40
N LEU B 93 -9.75 0.85 -7.20
CA LEU B 93 -10.83 1.66 -7.84
C LEU B 93 -10.80 3.09 -7.28
N ILE B 94 -10.67 3.25 -5.95
CA ILE B 94 -10.60 4.60 -5.32
C ILE B 94 -9.42 5.37 -5.92
N MET B 95 -8.25 4.71 -6.02
CA MET B 95 -7.00 5.33 -6.54
C MET B 95 -7.22 5.78 -7.99
N ASP B 96 -7.83 4.93 -8.82
CA ASP B 96 -8.13 5.26 -10.25
C ASP B 96 -9.00 6.52 -10.30
N ASP B 97 -10.03 6.59 -9.45
CA ASP B 97 -10.99 7.73 -9.41
C ASP B 97 -10.28 9.00 -8.92
N LEU B 98 -9.39 8.90 -7.92
CA LEU B 98 -8.64 10.09 -7.42
C LEU B 98 -7.68 10.62 -8.49
N MET B 99 -7.11 9.72 -9.31
CA MET B 99 -6.08 10.11 -10.32
C MET B 99 -6.72 10.76 -11.55
N ASP B 100 -8.02 10.59 -11.76
CA ASP B 100 -8.74 11.17 -12.93
C ASP B 100 -8.88 12.68 -12.76
N PHE B 119 -14.46 14.11 2.00
CA PHE B 119 -14.31 13.23 0.81
C PHE B 119 -13.10 12.31 1.00
N LEU B 120 -12.82 11.45 0.01
CA LEU B 120 -11.79 10.38 0.09
C LEU B 120 -10.42 10.94 -0.29
N ALA B 121 -9.37 10.50 0.41
CA ALA B 121 -7.97 10.88 0.17
C ALA B 121 -7.18 9.65 -0.28
N ILE B 122 -5.94 9.88 -0.73
CA ILE B 122 -4.97 8.82 -1.11
C ILE B 122 -4.77 7.91 0.12
N ASN B 123 -4.70 8.50 1.32
CA ASN B 123 -4.47 7.74 2.57
C ASN B 123 -5.60 6.71 2.79
N ASP B 124 -6.84 7.05 2.45
CA ASP B 124 -7.99 6.12 2.58
C ASP B 124 -7.76 4.88 1.70
N CYS B 125 -7.24 5.09 0.48
CA CYS B 125 -6.89 4.02 -0.49
C CYS B 125 -5.89 3.04 0.18
N LEU B 126 -4.82 3.56 0.77
CA LEU B 126 -3.76 2.77 1.48
C LEU B 126 -4.38 2.03 2.67
N HIS B 127 -5.28 2.70 3.40
CA HIS B 127 -5.89 2.19 4.65
C HIS B 127 -6.82 1.02 4.31
N VAL B 128 -7.64 1.18 3.26
CA VAL B 128 -8.58 0.11 2.80
C VAL B 128 -7.76 -1.12 2.42
N GLU B 129 -6.67 -0.96 1.66
CA GLU B 129 -5.80 -2.10 1.26
C GLU B 129 -5.13 -2.71 2.49
N SER B 130 -4.59 -1.90 3.39
CA SER B 130 -3.86 -2.40 4.59
C SER B 130 -4.81 -3.26 5.45
N SER B 131 -6.10 -2.92 5.46
CA SER B 131 -7.12 -3.55 6.32
C SER B 131 -7.30 -5.04 5.96
N LEU B 132 -7.06 -5.45 4.70
CA LEU B 132 -7.29 -6.86 4.30
C LEU B 132 -6.31 -7.75 5.09
N TYR B 133 -5.11 -7.28 5.39
CA TYR B 133 -4.11 -8.11 6.14
C TYR B 133 -4.57 -8.31 7.59
N SER B 134 -5.32 -7.35 8.16
CA SER B 134 -5.91 -7.46 9.53
C SER B 134 -6.97 -8.57 9.52
N VAL B 135 -7.79 -8.58 8.47
CA VAL B 135 -8.87 -9.59 8.25
C VAL B 135 -8.19 -10.96 8.10
N LEU B 136 -7.15 -11.06 7.29
CA LEU B 136 -6.44 -12.36 7.08
C LEU B 136 -5.91 -12.87 8.42
N ARG B 137 -5.24 -12.01 9.20
CA ARG B 137 -4.65 -12.42 10.50
C ARG B 137 -5.77 -12.89 11.44
N LYS B 138 -6.89 -12.17 11.46
CA LYS B 138 -8.01 -12.49 12.37
C LYS B 138 -8.51 -13.91 12.08
N TYR B 139 -8.80 -14.24 10.82
CA TYR B 139 -9.61 -15.43 10.49
C TYR B 139 -8.76 -16.65 10.07
N PHE B 140 -7.50 -16.48 9.64
CA PHE B 140 -6.74 -17.56 8.94
C PHE B 140 -5.41 -17.90 9.61
N SER B 141 -4.99 -17.18 10.65
CA SER B 141 -3.60 -17.26 11.19
C SER B 141 -3.33 -18.64 11.79
N HIS B 142 -4.39 -19.40 12.06
CA HIS B 142 -4.33 -20.77 12.66
C HIS B 142 -4.21 -21.88 11.59
N LEU B 143 -4.43 -21.58 10.31
CA LEU B 143 -4.52 -22.59 9.23
C LEU B 143 -3.21 -22.73 8.48
N PRO B 144 -2.92 -23.92 7.90
CA PRO B 144 -1.75 -24.10 7.05
C PRO B 144 -1.73 -23.19 5.82
N CYS B 145 -2.91 -22.76 5.34
CA CYS B 145 -3.00 -21.90 4.13
C CYS B 145 -2.60 -20.44 4.45
N TYR B 146 -2.36 -20.10 5.71
CA TYR B 146 -2.14 -18.68 6.13
C TYR B 146 -0.97 -18.08 5.36
N VAL B 147 0.23 -18.66 5.45
CA VAL B 147 1.44 -18.01 4.88
C VAL B 147 1.34 -18.01 3.35
N PRO B 148 0.94 -19.12 2.68
CA PRO B 148 0.69 -19.08 1.24
C PRO B 148 -0.25 -17.93 0.80
N ILE B 149 -1.34 -17.72 1.54
CA ILE B 149 -2.34 -16.67 1.22
C ILE B 149 -1.70 -15.30 1.40
N ILE B 150 -1.01 -15.07 2.53
CA ILE B 150 -0.34 -13.76 2.79
C ILE B 150 0.65 -13.49 1.65
N GLU B 151 1.49 -14.48 1.31
CA GLU B 151 2.55 -14.37 0.28
C GLU B 151 1.92 -14.12 -1.09
N LEU B 152 0.75 -14.72 -1.36
CA LEU B 152 0.01 -14.51 -2.64
C LEU B 152 -0.43 -13.05 -2.72
N PHE B 153 -1.03 -12.52 -1.66
CA PHE B 153 -1.45 -11.08 -1.65
C PHE B 153 -0.22 -10.18 -1.85
N HIS B 154 0.88 -10.44 -1.15
CA HIS B 154 2.15 -9.65 -1.29
C HIS B 154 2.61 -9.68 -2.76
N ASP B 155 2.65 -10.87 -3.35
CA ASP B 155 3.20 -11.06 -4.73
C ASP B 155 2.28 -10.36 -5.74
N VAL B 156 0.96 -10.52 -5.60
CA VAL B 156 -0.04 -9.89 -6.50
C VAL B 156 0.09 -8.36 -6.36
N ASN B 157 0.30 -7.86 -5.13
CA ASN B 157 0.46 -6.40 -4.88
C ASN B 157 1.68 -5.89 -5.67
N PHE B 158 2.82 -6.56 -5.52
CA PHE B 158 4.09 -6.18 -6.19
C PHE B 158 3.90 -6.22 -7.72
N LYS B 159 3.30 -7.30 -8.24
CA LYS B 159 3.07 -7.45 -9.71
C LYS B 159 2.11 -6.37 -10.22
N THR B 160 1.05 -6.06 -9.48
CA THR B 160 0.05 -5.02 -9.85
C THR B 160 0.79 -3.67 -9.98
N ASN B 161 1.68 -3.37 -9.03
CA ASN B 161 2.50 -2.12 -9.03
C ASN B 161 3.35 -2.10 -10.31
N MET B 162 3.98 -3.22 -10.67
CA MET B 162 4.82 -3.31 -11.89
C MET B 162 3.95 -3.07 -13.13
N GLY B 163 2.75 -3.63 -13.17
CA GLY B 163 1.79 -3.44 -14.28
C GLY B 163 1.41 -1.99 -14.45
N GLN B 164 1.14 -1.30 -13.34
CA GLN B 164 0.76 0.13 -13.32
C GLN B 164 1.95 0.95 -13.80
N SER B 165 3.17 0.58 -13.44
CA SER B 165 4.40 1.31 -13.90
C SER B 165 4.59 1.13 -15.41
N LEU B 166 4.40 -0.08 -15.92
CA LEU B 166 4.53 -0.40 -17.37
C LEU B 166 3.50 0.43 -18.16
N ASP B 167 2.27 0.51 -17.64
CA ASP B 167 1.16 1.28 -18.26
C ASP B 167 1.56 2.76 -18.29
N ALA B 168 2.10 3.28 -17.19
CA ALA B 168 2.50 4.71 -17.08
C ALA B 168 3.64 5.02 -18.07
N LEU B 169 4.49 4.05 -18.41
CA LEU B 169 5.69 4.26 -19.27
C LEU B 169 5.31 4.30 -20.76
N CYS B 170 4.00 4.24 -21.07
CA CYS B 170 3.44 4.39 -22.45
C CYS B 170 3.00 5.84 -22.68
N MET B 171 3.30 6.73 -21.72
CA MET B 171 2.93 8.17 -21.73
C MET B 171 4.15 9.00 -21.31
N LYS B 172 4.47 10.06 -22.07
CA LYS B 172 5.56 11.01 -21.76
C LYS B 172 4.96 12.42 -21.79
N ASP B 173 5.11 13.17 -20.70
CA ASP B 173 4.33 14.41 -20.42
C ASP B 173 2.84 14.01 -20.48
N GLY B 174 2.03 14.69 -21.29
CA GLY B 174 0.58 14.38 -21.42
C GLY B 174 0.25 13.61 -22.68
N ARG B 175 1.26 13.02 -23.35
CA ARG B 175 1.13 12.48 -24.73
C ARG B 175 1.50 11.00 -24.77
N PRO B 176 0.76 10.17 -25.53
CA PRO B 176 1.11 8.76 -25.69
C PRO B 176 2.39 8.55 -26.52
N ILE B 177 3.23 7.60 -26.10
CA ILE B 177 4.48 7.21 -26.84
C ILE B 177 4.10 6.02 -27.73
N LEU B 178 3.77 6.25 -29.00
CA LEU B 178 3.13 5.20 -29.84
C LEU B 178 4.14 4.09 -30.18
N SER B 179 5.44 4.38 -30.16
CA SER B 179 6.52 3.38 -30.35
C SER B 179 6.46 2.29 -29.26
N GLN B 180 5.87 2.62 -28.10
CA GLN B 180 5.71 1.71 -26.93
C GLN B 180 4.49 0.80 -27.12
N PHE B 181 3.58 1.11 -28.04
CA PHE B 181 2.28 0.40 -28.21
C PHE B 181 2.51 -0.88 -29.03
N THR B 182 3.15 -1.88 -28.43
CA THR B 182 3.39 -3.20 -29.04
C THR B 182 2.44 -4.20 -28.39
N MET B 183 2.11 -5.28 -29.10
CA MET B 183 1.26 -6.36 -28.54
C MET B 183 1.99 -7.00 -27.35
N LYS B 184 3.32 -7.18 -27.43
CA LYS B 184 4.12 -7.75 -26.31
C LYS B 184 3.92 -6.88 -25.06
N ARG B 185 4.04 -5.54 -25.18
CA ARG B 185 3.89 -4.64 -24.01
C ARG B 185 2.44 -4.64 -23.53
N TYR B 186 1.46 -4.56 -24.44
CA TYR B 186 0.02 -4.59 -24.09
C TYR B 186 -0.28 -5.85 -23.24
N SER B 187 0.16 -7.02 -23.71
CA SER B 187 -0.08 -8.32 -23.05
C SER B 187 0.50 -8.29 -21.63
N SER B 188 1.70 -7.74 -21.47
CA SER B 188 2.40 -7.63 -20.15
C SER B 188 1.61 -6.68 -19.25
N ILE B 189 1.15 -5.54 -19.76
CA ILE B 189 0.33 -4.59 -18.96
C ILE B 189 -0.91 -5.32 -18.42
N VAL B 190 -1.67 -5.99 -19.28
CA VAL B 190 -2.96 -6.61 -18.88
C VAL B 190 -2.65 -7.68 -17.84
N LYS B 191 -1.61 -8.47 -18.08
CA LYS B 191 -1.23 -9.59 -17.18
C LYS B 191 -0.95 -9.05 -15.76
N TYR B 192 -0.01 -8.10 -15.64
CA TYR B 192 0.52 -7.62 -14.35
C TYR B 192 -0.48 -6.67 -13.69
N LYS B 193 -1.06 -5.74 -14.47
CA LYS B 193 -1.94 -4.70 -13.89
C LYS B 193 -3.31 -5.25 -13.48
N THR B 194 -3.83 -6.27 -14.18
CA THR B 194 -5.27 -6.61 -14.09
C THR B 194 -5.46 -8.11 -13.87
N SER B 195 -4.89 -8.94 -14.74
CA SER B 195 -5.21 -10.40 -14.78
C SER B 195 -4.80 -11.06 -13.46
N TYR B 196 -3.64 -10.73 -12.89
CA TYR B 196 -3.14 -11.40 -11.66
C TYR B 196 -4.15 -11.20 -10.52
N TYR B 197 -4.57 -9.97 -10.25
CA TYR B 197 -5.45 -9.69 -9.08
C TYR B 197 -6.92 -10.05 -9.40
N THR B 198 -7.33 -9.99 -10.67
CA THR B 198 -8.76 -10.16 -11.05
C THR B 198 -9.09 -11.65 -11.22
N PHE B 199 -8.21 -12.41 -11.86
CA PHE B 199 -8.48 -13.82 -12.27
C PHE B 199 -7.65 -14.79 -11.43
N GLN B 200 -6.33 -14.59 -11.31
CA GLN B 200 -5.48 -15.59 -10.61
C GLN B 200 -5.80 -15.59 -9.11
N LEU B 201 -5.87 -14.41 -8.50
CA LEU B 201 -5.98 -14.26 -7.03
C LEU B 201 -7.20 -15.02 -6.49
N PRO B 202 -8.44 -14.80 -6.99
CA PRO B 202 -9.59 -15.56 -6.50
C PRO B 202 -9.38 -17.08 -6.57
N VAL B 203 -8.86 -17.58 -7.68
CA VAL B 203 -8.74 -19.06 -7.91
C VAL B 203 -7.63 -19.61 -7.02
N SER B 204 -6.48 -18.95 -6.97
CA SER B 204 -5.34 -19.38 -6.11
C SER B 204 -5.76 -19.32 -4.64
N LEU B 205 -6.59 -18.34 -4.23
CA LEU B 205 -7.11 -18.29 -2.84
C LEU B 205 -8.00 -19.53 -2.59
N GLY B 206 -8.88 -19.83 -3.54
CA GLY B 206 -9.77 -21.01 -3.46
C GLY B 206 -8.95 -22.27 -3.32
N MET B 207 -7.88 -22.39 -4.11
CA MET B 207 -6.98 -23.59 -4.06
C MET B 207 -6.32 -23.68 -2.68
N TYR B 208 -5.73 -22.59 -2.19
CA TYR B 208 -5.02 -22.60 -0.88
C TYR B 208 -6.00 -22.95 0.25
N LEU B 209 -7.22 -22.42 0.24
CA LEU B 209 -8.20 -22.69 1.32
C LEU B 209 -8.57 -24.18 1.25
N ALA B 210 -8.56 -24.77 0.05
CA ALA B 210 -8.78 -26.23 -0.15
C ALA B 210 -7.48 -27.02 0.05
N ASP B 211 -6.45 -26.42 0.67
CA ASP B 211 -5.15 -27.10 0.94
C ASP B 211 -4.56 -27.68 -0.35
N MET B 212 -4.67 -26.97 -1.47
CA MET B 212 -3.99 -27.35 -2.74
C MET B 212 -2.81 -26.41 -2.94
N TYR B 213 -1.59 -26.89 -2.69
CA TYR B 213 -0.35 -26.08 -2.61
C TYR B 213 0.58 -26.41 -3.78
N ASP B 214 0.23 -27.43 -4.57
CA ASP B 214 1.05 -27.94 -5.71
C ASP B 214 1.28 -26.80 -6.69
N PRO B 215 2.53 -26.31 -6.87
CA PRO B 215 2.80 -25.24 -7.84
C PRO B 215 2.34 -25.59 -9.27
N GLU B 216 2.41 -26.86 -9.68
CA GLU B 216 1.95 -27.32 -11.02
C GLU B 216 0.44 -27.05 -11.18
N GLN B 217 -0.34 -27.19 -10.10
CA GLN B 217 -1.81 -26.94 -10.15
C GLN B 217 -2.05 -25.44 -10.30
N HIS B 218 -1.35 -24.63 -9.51
CA HIS B 218 -1.45 -23.13 -9.60
C HIS B 218 -1.04 -22.69 -11.00
N ARG B 219 0.01 -23.29 -11.57
CA ARG B 219 0.53 -22.89 -12.92
C ARG B 219 -0.45 -23.31 -14.02
N GLN B 220 -1.02 -24.52 -13.92
CA GLN B 220 -2.04 -25.01 -14.88
C GLN B 220 -3.21 -24.02 -14.91
N ALA B 221 -3.68 -23.56 -13.75
CA ALA B 221 -4.82 -22.62 -13.61
C ALA B 221 -4.41 -21.29 -14.26
N LYS B 222 -3.18 -20.85 -13.97
CA LYS B 222 -2.65 -19.54 -14.43
C LYS B 222 -2.66 -19.47 -15.95
N THR B 223 -2.20 -20.52 -16.65
CA THR B 223 -2.14 -20.53 -18.14
C THR B 223 -3.52 -20.15 -18.68
N ILE B 224 -4.58 -20.77 -18.18
CA ILE B 224 -5.99 -20.52 -18.63
C ILE B 224 -6.43 -19.11 -18.19
N LEU B 225 -6.18 -18.74 -16.94
CA LEU B 225 -6.80 -17.52 -16.34
C LEU B 225 -6.17 -16.30 -17.01
N MET B 226 -4.88 -16.38 -17.36
CA MET B 226 -4.23 -15.23 -18.05
C MET B 226 -4.80 -15.08 -19.47
N GLU B 227 -5.14 -16.19 -20.14
CA GLU B 227 -5.79 -16.18 -21.49
C GLU B 227 -7.19 -15.57 -21.38
N ILE B 228 -7.94 -15.93 -20.34
CA ILE B 228 -9.29 -15.34 -20.09
C ILE B 228 -9.13 -13.85 -19.79
N GLY B 229 -8.16 -13.49 -18.95
CA GLY B 229 -7.90 -12.09 -18.55
C GLY B 229 -7.60 -11.25 -19.78
N GLU B 230 -6.83 -11.80 -20.74
CA GLU B 230 -6.48 -11.03 -21.96
C GLU B 230 -7.75 -10.78 -22.78
N PHE B 231 -8.63 -11.78 -22.96
CA PHE B 231 -9.88 -11.55 -23.73
C PHE B 231 -10.74 -10.51 -23.00
N PHE B 232 -10.85 -10.64 -21.68
CA PHE B 232 -11.65 -9.72 -20.83
C PHE B 232 -11.26 -8.28 -21.17
N GLN B 233 -9.96 -7.97 -21.13
CA GLN B 233 -9.47 -6.58 -21.35
C GLN B 233 -9.61 -6.19 -22.83
N ILE B 234 -9.33 -7.12 -23.76
CA ILE B 234 -9.44 -6.81 -25.23
C ILE B 234 -10.90 -6.48 -25.56
N GLN B 235 -11.87 -7.22 -25.02
CA GLN B 235 -13.31 -6.96 -25.23
C GLN B 235 -13.66 -5.60 -24.63
N ASP B 236 -13.19 -5.32 -23.42
CA ASP B 236 -13.44 -4.04 -22.73
C ASP B 236 -12.90 -2.90 -23.60
N ASP B 237 -11.69 -3.08 -24.13
CA ASP B 237 -11.03 -2.05 -25.01
C ASP B 237 -11.87 -1.84 -26.27
N PHE B 238 -12.33 -2.93 -26.90
CA PHE B 238 -13.16 -2.87 -28.12
C PHE B 238 -14.43 -2.07 -27.83
N LEU B 239 -15.13 -2.40 -26.74
CA LEU B 239 -16.44 -1.78 -26.38
C LEU B 239 -16.26 -0.31 -25.98
N ASP B 240 -15.08 0.09 -25.50
CA ASP B 240 -14.81 1.52 -25.15
C ASP B 240 -15.10 2.39 -26.37
N ALA B 241 -14.67 1.97 -27.56
CA ALA B 241 -14.83 2.74 -28.82
C ALA B 241 -16.13 2.37 -29.53
N PHE B 242 -16.51 1.09 -29.56
CA PHE B 242 -17.53 0.53 -30.48
C PHE B 242 -18.80 0.07 -29.74
N GLY B 243 -18.82 0.16 -28.40
CA GLY B 243 -19.97 -0.24 -27.58
C GLY B 243 -21.09 0.79 -27.68
N ASP B 244 -22.32 0.36 -27.37
CA ASP B 244 -23.51 1.24 -27.31
C ASP B 244 -23.54 1.89 -25.93
N SER B 245 -23.36 3.22 -25.86
CA SER B 245 -23.29 4.03 -24.63
C SER B 245 -24.56 3.84 -23.78
N GLN B 246 -25.73 3.73 -24.43
CA GLN B 246 -27.03 3.52 -23.75
C GLN B 246 -27.10 2.12 -23.12
N VAL B 247 -26.40 1.14 -23.72
CA VAL B 247 -26.36 -0.28 -23.25
C VAL B 247 -25.30 -0.43 -22.16
N THR B 248 -24.06 0.01 -22.44
CA THR B 248 -22.89 -0.14 -21.52
C THR B 248 -22.97 0.91 -20.40
N GLY B 249 -23.75 1.97 -20.58
CA GLY B 249 -24.02 3.01 -19.56
C GLY B 249 -22.78 3.82 -19.23
N LYS B 250 -21.85 3.97 -20.17
CA LYS B 250 -20.59 4.74 -20.03
C LYS B 250 -20.10 5.20 -21.41
N VAL B 251 -19.72 6.48 -21.52
CA VAL B 251 -19.08 7.06 -22.75
C VAL B 251 -17.57 6.83 -22.65
N GLY B 252 -17.00 6.14 -23.64
CA GLY B 252 -15.58 5.72 -23.67
C GLY B 252 -14.63 6.88 -23.94
N THR B 253 -13.53 6.96 -23.17
CA THR B 253 -12.54 8.06 -23.23
C THR B 253 -11.12 7.51 -23.46
N ASP B 254 -10.96 6.24 -23.86
CA ASP B 254 -9.61 5.63 -24.03
C ASP B 254 -8.80 6.43 -25.07
N ILE B 255 -9.43 6.83 -26.18
CA ILE B 255 -8.74 7.56 -27.29
C ILE B 255 -8.25 8.92 -26.74
N LYS B 256 -9.15 9.69 -26.13
CA LYS B 256 -8.88 11.04 -25.54
C LYS B 256 -7.76 10.93 -24.51
N GLU B 257 -7.77 9.89 -23.69
CA GLU B 257 -6.80 9.70 -22.57
C GLU B 257 -5.49 9.06 -23.07
N GLY B 258 -5.40 8.68 -24.35
CA GLY B 258 -4.18 8.13 -24.97
C GLY B 258 -3.80 6.78 -24.40
N LYS B 259 -4.79 5.96 -24.03
CA LYS B 259 -4.53 4.70 -23.31
C LYS B 259 -3.90 3.68 -24.26
N CYS B 260 -3.02 2.82 -23.72
CA CYS B 260 -2.47 1.66 -24.46
C CYS B 260 -3.58 0.61 -24.56
N SER B 261 -4.48 0.81 -25.52
CA SER B 261 -5.67 -0.03 -25.82
C SER B 261 -5.30 -1.05 -26.89
N TRP B 262 -5.96 -2.20 -26.90
CA TRP B 262 -5.80 -3.21 -27.97
C TRP B 262 -6.09 -2.58 -29.34
N LEU B 263 -7.10 -1.70 -29.39
CA LEU B 263 -7.51 -1.05 -30.66
C LEU B 263 -6.33 -0.24 -31.20
N ALA B 264 -5.65 0.52 -30.33
CA ALA B 264 -4.50 1.38 -30.71
C ALA B 264 -3.34 0.50 -31.17
N VAL B 265 -3.05 -0.57 -30.43
CA VAL B 265 -1.92 -1.50 -30.74
C VAL B 265 -2.16 -2.12 -32.12
N VAL B 266 -3.36 -2.64 -32.38
CA VAL B 266 -3.67 -3.33 -33.66
C VAL B 266 -3.72 -2.30 -34.80
N ALA B 267 -4.29 -1.12 -34.55
CA ALA B 267 -4.30 0.01 -35.52
C ALA B 267 -2.86 0.26 -36.02
N LEU B 268 -1.89 0.31 -35.11
CA LEU B 268 -0.49 0.63 -35.47
C LEU B 268 0.11 -0.54 -36.26
N GLN B 269 -0.25 -1.79 -35.94
CA GLN B 269 0.18 -3.00 -36.70
C GLN B 269 -0.31 -2.93 -38.16
N ARG B 270 -1.56 -2.49 -38.38
CA ARG B 270 -2.28 -2.57 -39.68
C ARG B 270 -2.06 -1.29 -40.50
N SER B 271 -1.51 -0.22 -39.91
CA SER B 271 -1.43 1.14 -40.52
C SER B 271 -0.31 1.20 -41.57
N ASN B 272 -0.58 1.86 -42.71
CA ASN B 272 0.45 2.34 -43.67
C ASN B 272 1.04 3.62 -43.09
N PRO B 273 2.10 4.20 -43.69
CA PRO B 273 2.70 5.44 -43.16
C PRO B 273 1.70 6.60 -42.96
N ALA B 274 0.75 6.79 -43.88
CA ALA B 274 -0.27 7.86 -43.84
C ALA B 274 -1.22 7.65 -42.65
N GLN B 275 -1.62 6.39 -42.41
CA GLN B 275 -2.55 6.00 -41.32
C GLN B 275 -1.84 6.21 -39.97
N ARG B 276 -0.56 5.83 -39.88
CA ARG B 276 0.29 6.03 -38.68
C ARG B 276 0.37 7.53 -38.33
N GLN B 277 0.50 8.42 -39.32
CA GLN B 277 0.64 9.88 -39.04
C GLN B 277 -0.67 10.42 -38.44
N ILE B 278 -1.82 9.87 -38.85
CA ILE B 278 -3.16 10.21 -38.27
C ILE B 278 -3.15 9.82 -36.77
N MET B 279 -2.60 8.65 -36.41
CA MET B 279 -2.50 8.23 -34.99
C MET B 279 -1.56 9.21 -34.25
N GLU B 280 -0.38 9.50 -34.81
CA GLU B 280 0.62 10.40 -34.19
C GLU B 280 -0.03 11.76 -33.90
N GLU B 281 -0.83 12.28 -34.83
CA GLU B 281 -1.41 13.65 -34.74
C GLU B 281 -2.60 13.68 -33.77
N HIS B 282 -3.49 12.68 -33.80
CA HIS B 282 -4.84 12.77 -33.18
C HIS B 282 -5.03 11.83 -31.99
N TYR B 283 -4.18 10.81 -31.79
CA TYR B 283 -4.35 9.90 -30.63
C TYR B 283 -3.96 10.63 -29.33
N GLY B 284 -4.84 10.58 -28.34
CA GLY B 284 -4.61 11.17 -27.00
C GLY B 284 -4.79 12.67 -26.98
N ARG B 285 -5.63 13.22 -27.87
CA ARG B 285 -5.96 14.66 -27.90
C ARG B 285 -7.29 14.89 -27.18
N PRO B 286 -7.48 16.05 -26.51
CA PRO B 286 -8.72 16.36 -25.82
C PRO B 286 -9.92 16.72 -26.70
N GLU B 287 -9.69 17.16 -27.95
CA GLU B 287 -10.75 17.66 -28.88
C GLU B 287 -11.61 16.49 -29.34
N PRO B 288 -12.95 16.57 -29.18
CA PRO B 288 -13.86 15.52 -29.64
C PRO B 288 -13.68 15.14 -31.13
N GLU B 289 -13.35 16.11 -31.99
CA GLU B 289 -13.10 15.89 -33.44
C GLU B 289 -12.01 14.82 -33.61
N SER B 290 -10.97 14.88 -32.76
CA SER B 290 -9.78 13.98 -32.83
C SER B 290 -10.21 12.56 -32.47
N THR B 291 -11.10 12.39 -31.48
CA THR B 291 -11.70 11.08 -31.12
C THR B 291 -12.43 10.52 -32.37
N GLN B 292 -13.22 11.34 -33.07
CA GLN B 292 -13.99 10.86 -34.25
C GLN B 292 -13.02 10.48 -35.39
N ILE B 293 -11.93 11.24 -35.58
CA ILE B 293 -10.89 10.94 -36.62
C ILE B 293 -10.30 9.55 -36.32
N ILE B 294 -9.89 9.29 -35.08
CA ILE B 294 -9.30 7.98 -34.68
C ILE B 294 -10.34 6.85 -34.89
N LYS B 295 -11.57 7.05 -34.42
CA LYS B 295 -12.68 6.07 -34.57
C LYS B 295 -12.88 5.76 -36.07
N ASN B 296 -12.88 6.78 -36.92
CA ASN B 296 -12.99 6.61 -38.39
C ASN B 296 -11.82 5.78 -38.93
N LEU B 297 -10.61 5.98 -38.39
CA LEU B 297 -9.41 5.23 -38.84
C LEU B 297 -9.57 3.77 -38.39
N TYR B 298 -10.03 3.55 -37.15
CA TYR B 298 -10.27 2.19 -36.62
C TYR B 298 -11.27 1.46 -37.54
N ILE B 299 -12.32 2.15 -37.99
CA ILE B 299 -13.32 1.61 -38.95
C ILE B 299 -12.62 1.29 -40.29
N GLU B 300 -11.84 2.24 -40.83
CA GLU B 300 -11.10 2.07 -42.10
C GLU B 300 -10.18 0.84 -42.02
N LEU B 301 -9.55 0.64 -40.87
CA LEU B 301 -8.54 -0.44 -40.65
C LEU B 301 -9.21 -1.78 -40.37
N GLY B 302 -10.54 -1.82 -40.27
CA GLY B 302 -11.28 -3.09 -40.08
C GLY B 302 -11.09 -3.66 -38.69
N LEU B 303 -10.98 -2.80 -37.67
CA LEU B 303 -10.76 -3.29 -36.28
C LEU B 303 -11.99 -4.07 -35.81
N PRO B 304 -13.25 -3.65 -36.09
CA PRO B 304 -14.41 -4.47 -35.74
C PRO B 304 -14.34 -5.91 -36.26
N ALA B 305 -14.04 -6.12 -37.55
CA ALA B 305 -13.92 -7.46 -38.16
C ALA B 305 -12.75 -8.21 -37.49
N THR B 306 -11.66 -7.50 -37.19
CA THR B 306 -10.46 -8.11 -36.54
C THR B 306 -10.86 -8.59 -35.14
N PHE B 307 -11.63 -7.79 -34.39
CA PHE B 307 -12.09 -8.17 -33.03
C PHE B 307 -12.98 -9.42 -33.13
N ALA B 308 -13.90 -9.46 -34.10
CA ALA B 308 -14.83 -10.61 -34.31
C ALA B 308 -14.02 -11.90 -34.51
N VAL B 309 -13.00 -11.87 -35.36
CA VAL B 309 -12.12 -13.05 -35.63
C VAL B 309 -11.39 -13.40 -34.33
N TYR B 310 -10.85 -12.41 -33.61
CA TYR B 310 -10.10 -12.65 -32.35
C TYR B 310 -11.03 -13.32 -31.32
N GLU B 311 -12.24 -12.79 -31.14
CA GLU B 311 -13.22 -13.33 -30.15
C GLU B 311 -13.47 -14.82 -30.44
N GLU B 312 -13.68 -15.18 -31.71
CA GLU B 312 -13.95 -16.58 -32.14
C GLU B 312 -12.71 -17.43 -31.89
N GLU B 313 -11.54 -16.97 -32.35
CA GLU B 313 -10.27 -17.74 -32.26
C GLU B 313 -9.87 -17.92 -30.79
N SER B 314 -9.99 -16.87 -29.96
CA SER B 314 -9.58 -16.89 -28.53
C SER B 314 -10.52 -17.80 -27.74
N PHE B 315 -11.83 -17.74 -27.99
CA PHE B 315 -12.85 -18.61 -27.36
C PHE B 315 -12.45 -20.06 -27.61
N ASN B 316 -12.10 -20.39 -28.86
CA ASN B 316 -11.81 -21.79 -29.26
C ASN B 316 -10.50 -22.26 -28.58
N ILE B 317 -9.46 -21.41 -28.54
CA ILE B 317 -8.18 -21.74 -27.86
C ILE B 317 -8.43 -21.99 -26.37
N ILE B 318 -9.18 -21.12 -25.71
CA ILE B 318 -9.43 -21.19 -24.24
C ILE B 318 -10.28 -22.44 -23.95
N ARG B 319 -11.35 -22.65 -24.72
CA ARG B 319 -12.25 -23.83 -24.56
C ARG B 319 -11.40 -25.09 -24.63
N THR B 320 -10.48 -25.17 -25.59
CA THR B 320 -9.59 -26.36 -25.77
C THR B 320 -8.65 -26.48 -24.56
N HIS B 321 -8.02 -25.40 -24.12
CA HIS B 321 -7.11 -25.45 -22.94
C HIS B 321 -7.89 -25.96 -21.72
N ILE B 322 -9.16 -25.57 -21.57
CA ILE B 322 -9.98 -26.00 -20.40
C ILE B 322 -10.31 -27.49 -20.56
N HIS B 323 -10.71 -27.92 -21.76
CA HIS B 323 -10.96 -29.37 -22.08
C HIS B 323 -9.71 -30.17 -21.73
N GLN B 324 -8.52 -29.61 -21.93
CA GLN B 324 -7.21 -30.30 -21.72
C GLN B 324 -6.71 -30.19 -20.27
N ILE B 325 -7.42 -29.47 -19.39
CA ILE B 325 -6.90 -29.13 -18.03
C ILE B 325 -6.60 -30.42 -17.28
N SER B 326 -5.43 -30.50 -16.66
CA SER B 326 -4.95 -31.73 -15.97
C SER B 326 -4.60 -31.40 -14.51
N LYS B 327 -3.68 -32.16 -13.91
CA LYS B 327 -3.20 -31.96 -12.52
C LYS B 327 -4.39 -32.11 -11.55
N GLY B 328 -5.43 -32.84 -11.96
CA GLY B 328 -6.63 -33.12 -11.14
C GLY B 328 -7.51 -31.90 -10.93
N LEU B 329 -7.41 -30.88 -11.78
CA LEU B 329 -8.22 -29.65 -11.65
C LEU B 329 -9.59 -29.86 -12.30
N PRO B 330 -10.65 -29.25 -11.74
CA PRO B 330 -12.00 -29.36 -12.29
C PRO B 330 -12.20 -28.42 -13.49
N HIS B 331 -12.55 -28.98 -14.65
CA HIS B 331 -12.79 -28.20 -15.89
C HIS B 331 -13.98 -27.25 -15.69
N ASP B 332 -14.99 -27.63 -14.90
CA ASP B 332 -16.27 -26.88 -14.80
C ASP B 332 -16.05 -25.50 -14.17
N LEU B 333 -15.13 -25.35 -13.22
CA LEU B 333 -14.77 -24.03 -12.61
C LEU B 333 -14.34 -23.06 -13.71
N PHE B 334 -13.41 -23.49 -14.55
CA PHE B 334 -12.80 -22.66 -15.61
C PHE B 334 -13.82 -22.40 -16.73
N PHE B 335 -14.71 -23.34 -17.03
CA PHE B 335 -15.80 -23.12 -18.01
C PHE B 335 -16.76 -22.05 -17.47
N LYS B 336 -17.07 -22.10 -16.17
CA LYS B 336 -17.95 -21.09 -15.51
C LYS B 336 -17.31 -19.71 -15.64
N ILE B 337 -16.00 -19.60 -15.40
CA ILE B 337 -15.27 -18.31 -15.45
C ILE B 337 -15.29 -17.80 -16.89
N MET B 338 -14.98 -18.68 -17.86
CA MET B 338 -14.94 -18.36 -19.31
C MET B 338 -16.32 -17.88 -19.76
N LYS B 339 -17.37 -18.66 -19.47
CA LYS B 339 -18.78 -18.39 -19.87
C LYS B 339 -19.20 -16.98 -19.41
N LYS B 340 -18.82 -16.59 -18.18
CA LYS B 340 -19.16 -15.28 -17.59
C LYS B 340 -18.56 -14.15 -18.43
N ILE B 341 -17.32 -14.32 -18.91
CA ILE B 341 -16.59 -13.27 -19.68
C ILE B 341 -17.14 -13.22 -21.11
N TYR B 342 -17.34 -14.36 -21.78
CA TYR B 342 -17.73 -14.41 -23.22
C TYR B 342 -19.24 -14.26 -23.38
N LYS B 343 -20.04 -14.55 -22.35
CA LYS B 343 -21.53 -14.38 -22.35
C LYS B 343 -22.13 -15.07 -23.58
#